data_4EZB
#
_entry.id   4EZB
#
_cell.length_a   115.312
_cell.length_b   51.264
_cell.length_c   51.068
_cell.angle_alpha   90.000
_cell.angle_beta   105.440
_cell.angle_gamma   90.000
#
_symmetry.space_group_name_H-M   'C 1 2 1'
#
loop_
_entity.id
_entity.type
_entity.pdbx_description
1 polymer 'uncharacterized conserved protein'
2 water water
#
_entity_poly.entity_id   1
_entity_poly.type   'polypeptide(L)'
_entity_poly.pdbx_seq_one_letter_code
;(MSE)HHHHHHSSGVDLGTENLYFQS(MSE)(MSE)TTIAFIGFGEAAQSIAGGLGGRNAARLAAYDLRFNDPAASGALR
ARAAELGVEPLDDVAGIACADVVLSLVVGAATKAVAASAAPHLSDEAVFIDLNSVGPDTKALAAGAIATGKGSFVEGAV
(MSE)ARVPPYAEKVPILVAGRRAVEVAERLNALG(MSE)NLEAVGETPGQASSLK(MSE)IRSV(MSE)IKGVEALLIE
ALSSAERAGVTERILDSVQETFPGLDWRDVADYYLSRTFEHGARRVTE(MSE)TEAAETIESFGLNAP(MSE)SRAACET
IAAAHAA(MSE)KDQGLSVNDGYRGFVPVLARRLARDS
;
_entity_poly.pdbx_strand_id   A
#
# COMPACT_ATOMS: atom_id res chain seq x y z
N THR A 15 3.44 -9.21 -26.30
CA THR A 15 2.30 -8.44 -26.88
C THR A 15 2.05 -7.13 -26.13
N GLU A 16 3.01 -6.74 -25.30
CA GLU A 16 3.08 -5.39 -24.74
C GLU A 16 3.57 -4.41 -25.83
N ASN A 17 3.71 -3.13 -25.50
CA ASN A 17 3.98 -2.09 -26.51
C ASN A 17 5.40 -2.11 -27.06
N LEU A 18 5.51 -1.90 -28.37
CA LEU A 18 6.81 -2.02 -29.06
C LEU A 18 7.73 -0.87 -28.67
N TYR A 19 7.15 0.33 -28.62
CA TYR A 19 7.89 1.51 -28.24
C TYR A 19 8.68 1.28 -26.94
N PHE A 20 8.07 0.50 -26.02
CA PHE A 20 8.61 0.26 -24.68
C PHE A 20 9.57 -0.93 -24.53
N GLN A 21 9.40 -1.98 -25.36
CA GLN A 21 10.34 -3.11 -25.41
C GLN A 21 11.68 -2.76 -26.05
N SER A 22 11.64 -2.01 -27.15
CA SER A 22 12.85 -1.55 -27.83
C SER A 22 13.32 -0.20 -27.27
N MSE A 23 13.48 -0.14 -25.95
CA MSE A 23 13.78 1.10 -25.24
C MSE A 23 14.76 0.85 -24.11
O MSE A 23 14.66 -0.16 -23.39
CB MSE A 23 12.47 1.68 -24.69
CG MSE A 23 12.58 3.11 -24.17
SE MSE A 23 12.77 4.41 -25.65
CE MSE A 23 14.69 4.84 -25.45
N MSE A 24 15.70 1.78 -23.96
CA MSE A 24 16.69 1.77 -22.88
C MSE A 24 16.00 2.08 -21.58
O MSE A 24 15.50 3.19 -21.38
CB MSE A 24 17.75 2.84 -23.20
CG MSE A 24 18.93 2.82 -22.22
SE MSE A 24 19.62 0.98 -22.06
CE MSE A 24 19.31 0.68 -20.13
N THR A 25 15.99 1.11 -20.66
CA THR A 25 15.19 1.22 -19.43
C THR A 25 15.96 1.01 -18.10
N THR A 26 16.44 2.10 -17.51
CA THR A 26 17.10 2.05 -16.18
C THR A 26 16.20 2.50 -15.03
N ILE A 27 16.08 1.64 -14.02
CA ILE A 27 15.30 1.89 -12.82
C ILE A 27 16.21 2.04 -11.61
N ALA A 28 15.99 3.11 -10.82
CA ALA A 28 16.68 3.29 -9.55
C ALA A 28 15.71 3.25 -8.39
N PHE A 29 15.96 2.36 -7.43
CA PHE A 29 15.18 2.36 -6.18
C PHE A 29 15.77 3.41 -5.24
N ILE A 30 14.90 4.10 -4.51
CA ILE A 30 15.35 4.84 -3.34
C ILE A 30 14.75 4.13 -2.15
N GLY A 31 15.63 3.57 -1.33
CA GLY A 31 15.24 2.62 -0.31
C GLY A 31 15.54 1.25 -0.89
N PHE A 32 16.29 0.45 -0.12
CA PHE A 32 16.53 -0.94 -0.49
C PHE A 32 16.18 -1.89 0.65
N GLY A 33 14.95 -1.77 1.14
CA GLY A 33 14.41 -2.66 2.16
C GLY A 33 13.81 -3.89 1.53
N GLU A 34 12.97 -4.60 2.30
CA GLU A 34 12.34 -5.84 1.84
C GLU A 34 11.52 -5.66 0.55
N ALA A 35 10.55 -4.73 0.59
CA ALA A 35 9.67 -4.45 -0.56
C ALA A 35 10.46 -4.15 -1.84
N ALA A 36 11.44 -3.23 -1.74
CA ALA A 36 12.32 -2.90 -2.85
C ALA A 36 13.14 -4.10 -3.29
N GLN A 37 13.53 -4.95 -2.33
CA GLN A 37 14.33 -6.15 -2.62
C GLN A 37 13.56 -7.22 -3.40
N SER A 38 12.40 -7.61 -2.89
CA SER A 38 11.48 -8.51 -3.60
C SER A 38 11.10 -8.00 -4.99
N ILE A 39 10.78 -6.71 -5.13
CA ILE A 39 10.50 -6.16 -6.46
C ILE A 39 11.72 -6.33 -7.37
N ALA A 40 12.88 -5.87 -6.91
CA ALA A 40 14.11 -5.97 -7.70
C ALA A 40 14.49 -7.42 -7.92
N GLY A 41 14.11 -8.27 -6.96
CA GLY A 41 14.26 -9.72 -7.07
C GLY A 41 13.67 -10.28 -8.36
N GLY A 42 12.35 -10.12 -8.51
CA GLY A 42 11.62 -10.61 -9.69
C GLY A 42 12.00 -9.99 -11.02
N LEU A 43 12.67 -8.84 -10.98
CA LEU A 43 13.13 -8.17 -12.20
C LEU A 43 14.56 -8.54 -12.56
N GLY A 44 15.34 -8.86 -11.52
CA GLY A 44 16.80 -8.99 -11.60
C GLY A 44 17.36 -10.08 -12.50
N GLY A 45 16.79 -11.27 -12.41
CA GLY A 45 17.23 -12.41 -13.21
C GLY A 45 17.04 -12.24 -14.70
N ARG A 46 15.97 -11.51 -15.06
CA ARG A 46 15.64 -11.26 -16.47
C ARG A 46 16.60 -10.26 -17.09
N ASN A 47 17.31 -9.50 -16.26
CA ASN A 47 17.93 -8.25 -16.72
C ASN A 47 16.87 -7.55 -17.59
N ALA A 48 15.66 -7.49 -17.04
CA ALA A 48 14.52 -6.79 -17.64
C ALA A 48 14.84 -5.30 -17.74
N ALA A 49 15.74 -4.85 -16.88
CA ALA A 49 16.22 -3.48 -16.90
C ALA A 49 17.50 -3.37 -16.08
N ARG A 50 18.38 -2.46 -16.48
CA ARG A 50 19.48 -2.04 -15.60
C ARG A 50 18.86 -1.54 -14.28
N LEU A 51 19.12 -2.27 -13.20
CA LEU A 51 18.66 -1.88 -11.87
C LEU A 51 19.76 -1.16 -11.11
N ALA A 52 19.36 -0.26 -10.21
CA ALA A 52 20.27 0.40 -9.25
C ALA A 52 19.46 0.71 -8.00
N ALA A 53 20.16 0.98 -6.90
CA ALA A 53 19.47 1.38 -5.67
C ALA A 53 20.31 2.34 -4.83
N TYR A 54 19.69 3.44 -4.40
CA TYR A 54 20.30 4.26 -3.37
C TYR A 54 19.69 3.92 -2.01
N ASP A 55 20.57 3.71 -1.02
CA ASP A 55 20.16 3.47 0.35
C ASP A 55 21.24 4.12 1.24
N LEU A 56 20.80 4.72 2.34
CA LEU A 56 21.73 5.35 3.29
C LEU A 56 22.65 4.32 3.91
N ARG A 57 22.14 3.09 4.05
CA ARG A 57 22.92 2.00 4.65
C ARG A 57 24.09 1.53 3.78
N PHE A 58 24.06 1.89 2.50
CA PHE A 58 25.20 1.61 1.61
C PHE A 58 26.47 2.35 2.07
N ASN A 59 26.30 3.33 2.96
CA ASN A 59 27.38 4.18 3.49
C ASN A 59 27.71 3.94 4.96
N ASP A 60 26.95 3.06 5.59
CA ASP A 60 27.13 2.73 7.01
C ASP A 60 28.04 1.53 7.12
N PRO A 61 29.23 1.69 7.74
CA PRO A 61 30.17 0.55 7.82
C PRO A 61 29.55 -0.71 8.46
N ALA A 62 28.51 -0.52 9.27
CA ALA A 62 27.90 -1.60 10.03
C ALA A 62 26.93 -2.40 9.18
N ALA A 63 26.46 -1.82 8.08
CA ALA A 63 25.44 -2.45 7.27
C ALA A 63 25.86 -2.58 5.84
N SER A 64 26.89 -1.82 5.47
CA SER A 64 27.31 -1.69 4.08
C SER A 64 27.63 -3.03 3.39
N GLY A 65 28.50 -3.82 4.02
CA GLY A 65 28.93 -5.08 3.46
C GLY A 65 27.74 -5.96 3.16
N ALA A 66 26.91 -6.19 4.18
CA ALA A 66 25.76 -7.08 4.07
C ALA A 66 24.72 -6.58 3.07
N LEU A 67 24.55 -5.26 2.96
CA LEU A 67 23.58 -4.74 1.99
C LEU A 67 24.08 -4.81 0.54
N ARG A 68 25.38 -4.58 0.35
CA ARG A 68 25.98 -4.61 -0.98
C ARG A 68 26.05 -6.02 -1.57
N ALA A 69 26.21 -7.00 -0.70
CA ALA A 69 26.19 -8.40 -1.11
C ALA A 69 24.80 -8.74 -1.61
N ARG A 70 23.76 -8.31 -0.90
CA ARG A 70 22.41 -8.63 -1.32
C ARG A 70 22.04 -7.90 -2.60
N ALA A 71 22.54 -6.68 -2.75
CA ALA A 71 22.37 -5.95 -4.00
C ALA A 71 23.00 -6.72 -5.15
N ALA A 72 24.17 -7.31 -4.90
CA ALA A 72 24.88 -8.12 -5.89
C ALA A 72 24.14 -9.44 -6.16
N GLU A 73 23.56 -10.03 -5.12
CA GLU A 73 22.83 -11.28 -5.21
C GLU A 73 21.50 -11.15 -5.98
N LEU A 74 20.84 -9.99 -5.87
CA LEU A 74 19.63 -9.68 -6.65
C LEU A 74 19.96 -8.99 -7.98
N GLY A 75 21.25 -8.75 -8.21
CA GLY A 75 21.72 -8.17 -9.47
C GLY A 75 21.37 -6.71 -9.63
N VAL A 76 21.46 -5.97 -8.51
CA VAL A 76 21.20 -4.52 -8.43
C VAL A 76 22.49 -3.77 -8.11
N GLU A 77 22.75 -2.65 -8.79
CA GLU A 77 23.92 -1.84 -8.48
C GLU A 77 23.68 -0.89 -7.30
N PRO A 78 24.58 -0.92 -6.31
CA PRO A 78 24.53 0.08 -5.24
C PRO A 78 25.00 1.44 -5.74
N LEU A 79 24.33 2.50 -5.32
CA LEU A 79 24.75 3.85 -5.62
C LEU A 79 25.26 4.42 -4.32
N ASP A 80 26.40 5.11 -4.36
CA ASP A 80 26.98 5.72 -3.16
C ASP A 80 26.18 6.95 -2.70
N ASP A 81 25.55 7.61 -3.68
CA ASP A 81 24.91 8.92 -3.51
C ASP A 81 23.56 9.01 -4.23
N VAL A 82 22.70 9.92 -3.76
CA VAL A 82 21.41 10.18 -4.42
C VAL A 82 21.60 10.67 -5.88
N ALA A 83 22.73 11.34 -6.15
CA ALA A 83 23.01 11.86 -7.49
C ALA A 83 23.26 10.78 -8.53
N GLY A 84 23.43 9.55 -8.09
CA GLY A 84 23.54 8.42 -9.00
C GLY A 84 22.23 8.03 -9.68
N ILE A 85 21.16 8.77 -9.41
CA ILE A 85 19.87 8.47 -10.03
C ILE A 85 19.73 9.23 -11.35
N ALA A 86 20.68 10.10 -11.64
CA ALA A 86 20.66 10.85 -12.88
C ALA A 86 20.60 9.94 -14.10
N CYS A 87 21.00 8.68 -13.92
CA CYS A 87 21.06 7.69 -15.00
C CYS A 87 19.72 7.01 -15.26
N ALA A 88 18.81 7.09 -14.29
CA ALA A 88 17.55 6.35 -14.33
C ALA A 88 16.50 7.00 -15.22
N ASP A 89 15.71 6.15 -15.89
CA ASP A 89 14.47 6.58 -16.55
C ASP A 89 13.32 6.61 -15.57
N VAL A 90 13.33 5.67 -14.62
CA VAL A 90 12.28 5.54 -13.63
C VAL A 90 12.90 5.38 -12.26
N VAL A 91 12.56 6.28 -11.36
CA VAL A 91 12.96 6.19 -9.98
C VAL A 91 11.79 5.75 -9.08
N LEU A 92 11.99 4.66 -8.35
CA LEU A 92 10.98 4.12 -7.43
C LEU A 92 11.32 4.52 -5.97
N SER A 93 10.43 5.26 -5.31
CA SER A 93 10.69 5.71 -3.93
C SER A 93 9.98 4.79 -2.95
N LEU A 94 10.72 3.95 -2.25
CA LEU A 94 10.15 3.08 -1.21
C LEU A 94 10.98 3.33 0.04
N VAL A 95 10.48 4.22 0.89
CA VAL A 95 11.21 4.61 2.09
C VAL A 95 10.22 4.60 3.23
N VAL A 96 10.67 4.90 4.45
CA VAL A 96 9.72 4.98 5.54
C VAL A 96 8.83 6.17 5.27
N GLY A 97 7.53 5.97 5.50
CA GLY A 97 6.54 7.01 5.33
C GLY A 97 7.04 8.38 5.70
N ALA A 98 7.62 8.50 6.90
CA ALA A 98 8.07 9.78 7.43
C ALA A 98 9.05 10.46 6.48
N ALA A 99 9.88 9.70 5.78
CA ALA A 99 10.94 10.27 4.96
C ALA A 99 10.50 10.71 3.54
N THR A 100 9.23 10.47 3.19
CA THR A 100 8.73 10.73 1.82
C THR A 100 9.19 12.05 1.16
N LYS A 101 8.88 13.16 1.81
CA LYS A 101 9.16 14.52 1.29
C LYS A 101 10.65 14.77 1.19
N ALA A 102 11.36 14.50 2.27
CA ALA A 102 12.82 14.58 2.30
C ALA A 102 13.45 13.86 1.11
N VAL A 103 13.09 12.59 0.92
CA VAL A 103 13.55 11.81 -0.23
C VAL A 103 13.26 12.55 -1.53
N ALA A 104 12.00 12.95 -1.74
CA ALA A 104 11.62 13.66 -2.91
C ALA A 104 12.50 14.89 -3.15
N ALA A 105 12.74 15.65 -2.10
CA ALA A 105 13.53 16.88 -2.20
C ALA A 105 14.98 16.62 -2.58
N SER A 106 15.55 15.49 -2.12
CA SER A 106 16.92 15.07 -2.47
C SER A 106 17.06 14.71 -3.92
N ALA A 107 16.06 13.98 -4.41
CA ALA A 107 16.10 13.48 -5.75
C ALA A 107 15.90 14.57 -6.78
N ALA A 108 15.07 15.56 -6.44
CA ALA A 108 14.59 16.54 -7.42
C ALA A 108 15.69 17.15 -8.31
N PRO A 109 16.81 17.60 -7.71
CA PRO A 109 17.83 18.23 -8.58
C PRO A 109 18.52 17.23 -9.49
N HIS A 110 18.44 15.94 -9.20
CA HIS A 110 19.27 14.99 -9.93
C HIS A 110 18.58 14.28 -11.08
N LEU A 111 17.26 14.38 -11.11
CA LEU A 111 16.50 13.77 -12.17
C LEU A 111 16.75 14.48 -13.48
N SER A 112 16.89 13.70 -14.55
CA SER A 112 16.85 14.23 -15.90
C SER A 112 15.43 14.66 -16.24
N ASP A 113 15.30 15.52 -17.25
CA ASP A 113 13.97 16.01 -17.62
C ASP A 113 13.07 14.99 -18.34
N GLU A 114 13.61 13.84 -18.72
CA GLU A 114 12.74 12.77 -19.22
C GLU A 114 12.31 11.80 -18.12
N ALA A 115 13.02 11.83 -16.98
CA ALA A 115 12.84 10.82 -15.96
C ALA A 115 11.51 10.94 -15.20
N VAL A 116 10.99 9.81 -14.76
CA VAL A 116 9.78 9.78 -13.94
C VAL A 116 10.13 9.27 -12.52
N PHE A 117 9.79 10.06 -11.50
CA PHE A 117 9.88 9.67 -10.10
C PHE A 117 8.51 9.12 -9.73
N ILE A 118 8.45 7.84 -9.35
CA ILE A 118 7.20 7.25 -8.90
C ILE A 118 7.25 7.08 -7.40
N ASP A 119 6.34 7.73 -6.70
CA ASP A 119 6.36 7.68 -5.26
C ASP A 119 5.50 6.51 -4.84
N LEU A 120 6.09 5.48 -4.26
CA LEU A 120 5.28 4.32 -3.85
C LEU A 120 5.05 4.20 -2.36
N ASN A 121 5.31 5.27 -1.61
CA ASN A 121 5.17 5.26 -0.16
C ASN A 121 3.76 5.22 0.42
N SER A 122 3.60 4.64 1.61
CA SER A 122 2.26 4.50 2.21
C SER A 122 1.79 5.79 2.87
N VAL A 123 1.59 6.84 2.09
CA VAL A 123 1.15 8.12 2.60
C VAL A 123 -0.11 8.59 1.88
N GLY A 124 -0.80 9.59 2.44
CA GLY A 124 -2.04 10.08 1.84
C GLY A 124 -1.75 11.04 0.71
N PRO A 125 -2.81 11.46 -0.05
CA PRO A 125 -2.66 12.33 -1.22
C PRO A 125 -2.05 13.69 -0.91
N ASP A 126 -2.23 14.13 0.34
CA ASP A 126 -1.66 15.38 0.88
C ASP A 126 -0.13 15.38 0.80
N THR A 127 0.49 14.39 1.45
CA THR A 127 1.93 14.15 1.38
C THR A 127 2.40 13.85 -0.04
N LYS A 128 1.63 13.07 -0.79
CA LYS A 128 1.96 12.82 -2.19
C LYS A 128 2.08 14.14 -2.94
N ALA A 129 1.17 15.07 -2.64
CA ALA A 129 1.16 16.37 -3.30
C ALA A 129 2.41 17.18 -2.97
N LEU A 130 2.90 17.03 -1.74
CA LEU A 130 4.12 17.73 -1.35
C LEU A 130 5.36 17.10 -2.01
N ALA A 131 5.37 15.77 -2.14
CA ALA A 131 6.43 15.04 -2.84
C ALA A 131 6.47 15.51 -4.30
N ALA A 132 5.29 15.62 -4.89
CA ALA A 132 5.15 16.05 -6.29
C ALA A 132 5.71 17.46 -6.43
N GLY A 133 5.46 18.29 -5.41
CA GLY A 133 5.93 19.66 -5.43
C GLY A 133 7.44 19.77 -5.37
N ALA A 134 8.07 19.00 -4.48
CA ALA A 134 9.54 18.92 -4.42
C ALA A 134 10.14 18.54 -5.81
N ILE A 135 9.68 17.42 -6.37
CA ILE A 135 10.07 16.96 -7.72
C ILE A 135 9.94 18.08 -8.75
N ALA A 136 8.88 18.89 -8.62
CA ALA A 136 8.62 19.96 -9.59
C ALA A 136 9.65 21.08 -9.53
N THR A 137 10.38 21.19 -8.41
CA THR A 137 11.44 22.20 -8.30
C THR A 137 12.68 21.80 -9.12
N GLY A 138 12.64 20.65 -9.78
CA GLY A 138 13.70 20.20 -10.65
C GLY A 138 13.13 19.95 -12.03
N LYS A 139 13.76 19.07 -12.80
CA LYS A 139 13.39 18.83 -14.20
C LYS A 139 12.54 17.58 -14.45
N GLY A 140 12.53 16.67 -13.49
CA GLY A 140 11.84 15.40 -13.68
C GLY A 140 10.33 15.46 -13.53
N SER A 141 9.67 14.39 -13.97
CA SER A 141 8.23 14.21 -13.83
C SER A 141 7.93 13.39 -12.58
N PHE A 142 6.71 13.55 -12.05
CA PHE A 142 6.28 12.84 -10.86
C PHE A 142 5.06 11.97 -11.21
N VAL A 143 5.04 10.70 -10.78
CA VAL A 143 3.83 9.90 -10.91
C VAL A 143 3.53 9.41 -9.50
N GLU A 144 2.28 9.47 -9.10
CA GLU A 144 1.98 8.98 -7.76
C GLU A 144 1.55 7.52 -7.81
N GLY A 145 2.18 6.66 -7.03
CA GLY A 145 1.75 5.26 -6.95
C GLY A 145 1.22 4.85 -5.58
N ALA A 146 0.47 3.76 -5.57
CA ALA A 146 -0.02 3.19 -4.32
C ALA A 146 -0.02 1.68 -4.44
N VAL A 147 0.68 1.05 -3.52
CA VAL A 147 0.89 -0.39 -3.55
C VAL A 147 -0.30 -1.03 -2.87
N MSE A 148 -0.92 -2.00 -3.56
CA MSE A 148 -2.26 -2.48 -3.16
C MSE A 148 -2.26 -3.74 -2.35
O MSE A 148 -3.31 -4.18 -1.87
CB MSE A 148 -3.13 -2.75 -4.40
CG MSE A 148 -3.44 -1.48 -5.18
SE MSE A 148 -4.17 -0.08 -3.99
CE MSE A 148 -5.77 -1.08 -3.37
N ALA A 149 -1.09 -4.36 -2.20
CA ALA A 149 -0.97 -5.58 -1.41
C ALA A 149 0.41 -5.58 -0.77
N ARG A 150 0.63 -6.48 0.18
CA ARG A 150 1.97 -6.71 0.68
C ARG A 150 2.84 -7.26 -0.44
N VAL A 151 4.13 -6.89 -0.43
CA VAL A 151 5.01 -7.11 -1.58
C VAL A 151 5.65 -8.52 -1.63
N PRO A 152 6.18 -9.01 -0.48
CA PRO A 152 6.74 -10.38 -0.42
C PRO A 152 5.95 -11.46 -1.19
N PRO A 153 4.63 -11.61 -0.95
CA PRO A 153 3.95 -12.71 -1.67
C PRO A 153 3.79 -12.52 -3.18
N TYR A 154 4.13 -11.33 -3.71
CA TYR A 154 3.91 -11.01 -5.13
C TYR A 154 5.15 -10.58 -5.89
N ALA A 155 6.13 -10.05 -5.16
CA ALA A 155 7.31 -9.43 -5.76
C ALA A 155 6.96 -8.34 -6.77
N GLU A 156 7.48 -8.45 -7.99
CA GLU A 156 7.33 -7.39 -9.00
C GLU A 156 5.93 -7.29 -9.66
N LYS A 157 5.04 -8.21 -9.30
CA LYS A 157 3.69 -8.26 -9.86
C LYS A 157 2.66 -7.84 -8.84
N VAL A 158 3.15 -7.36 -7.70
CA VAL A 158 2.32 -6.69 -6.72
C VAL A 158 1.49 -5.62 -7.44
N PRO A 159 0.18 -5.58 -7.15
CA PRO A 159 -0.70 -4.57 -7.77
C PRO A 159 -0.30 -3.16 -7.30
N ILE A 160 0.06 -2.32 -8.27
CA ILE A 160 0.33 -0.89 -8.01
C ILE A 160 -0.65 -0.03 -8.80
N LEU A 161 -1.29 0.93 -8.12
CA LEU A 161 -2.05 1.96 -8.82
C LEU A 161 -1.16 3.20 -9.02
N VAL A 162 -1.26 3.81 -10.19
CA VAL A 162 -0.52 5.06 -10.51
C VAL A 162 -1.45 6.16 -11.05
N ALA A 163 -1.12 7.41 -10.75
CA ALA A 163 -1.89 8.56 -11.24
C ALA A 163 -0.94 9.70 -11.59
N GLY A 164 -1.22 10.41 -12.67
CA GLY A 164 -0.40 11.58 -13.06
C GLY A 164 -0.38 11.74 -14.56
N ARG A 165 0.13 12.88 -15.02
CA ARG A 165 0.27 13.15 -16.45
C ARG A 165 0.81 11.88 -17.15
N ARG A 166 1.91 11.33 -16.63
CA ARG A 166 2.61 10.20 -17.28
C ARG A 166 2.30 8.80 -16.73
N ALA A 167 1.26 8.69 -15.92
CA ALA A 167 0.85 7.39 -15.36
C ALA A 167 0.59 6.32 -16.42
N VAL A 168 -0.13 6.65 -17.48
CA VAL A 168 -0.42 5.67 -18.53
C VAL A 168 0.91 5.21 -19.10
N GLU A 169 1.74 6.19 -19.47
CA GLU A 169 3.08 5.95 -19.99
C GLU A 169 3.96 5.08 -19.12
N VAL A 170 4.05 5.36 -17.82
CA VAL A 170 4.89 4.52 -16.94
C VAL A 170 4.29 3.14 -16.71
N ALA A 171 2.97 3.05 -16.52
CA ALA A 171 2.31 1.76 -16.40
C ALA A 171 2.70 0.90 -17.62
N GLU A 172 2.48 1.41 -18.83
CA GLU A 172 2.84 0.66 -20.02
C GLU A 172 4.32 0.23 -20.08
N ARG A 173 5.21 1.15 -19.74
CA ARG A 173 6.64 0.90 -19.76
C ARG A 173 7.06 -0.17 -18.76
N LEU A 174 6.60 -0.04 -17.52
CA LEU A 174 6.90 -0.98 -16.47
C LEU A 174 6.15 -2.30 -16.61
N ASN A 175 4.97 -2.24 -17.20
CA ASN A 175 4.24 -3.46 -17.52
C ASN A 175 4.92 -4.26 -18.66
N ALA A 176 5.64 -3.56 -19.54
CA ALA A 176 6.44 -4.20 -20.59
C ALA A 176 7.64 -4.95 -19.99
N LEU A 177 7.98 -4.64 -18.74
CA LEU A 177 9.08 -5.29 -18.04
C LEU A 177 8.56 -6.36 -17.10
N GLY A 178 7.24 -6.60 -17.12
CA GLY A 178 6.62 -7.64 -16.28
C GLY A 178 5.99 -7.19 -14.96
N MSE A 179 5.92 -5.87 -14.73
CA MSE A 179 5.29 -5.34 -13.51
C MSE A 179 3.79 -5.27 -13.66
O MSE A 179 3.27 -5.52 -14.74
CB MSE A 179 5.84 -3.98 -13.15
CG MSE A 179 7.31 -4.15 -12.79
SE MSE A 179 7.94 -2.61 -11.73
CE MSE A 179 9.22 -1.99 -13.09
N ASN A 180 3.09 -4.92 -12.57
CA ASN A 180 1.64 -4.98 -12.54
C ASN A 180 0.95 -3.65 -12.15
N LEU A 181 1.12 -2.65 -13.01
CA LEU A 181 0.62 -1.31 -12.73
C LEU A 181 -0.68 -1.02 -13.47
N GLU A 182 -1.62 -0.36 -12.81
CA GLU A 182 -2.70 0.28 -13.56
C GLU A 182 -2.86 1.79 -13.33
N ALA A 183 -2.98 2.51 -14.44
CA ALA A 183 -3.17 3.95 -14.38
C ALA A 183 -4.63 4.20 -14.04
N VAL A 184 -4.88 4.98 -12.99
CA VAL A 184 -6.24 5.16 -12.53
C VAL A 184 -6.74 6.60 -12.70
N GLY A 185 -5.85 7.48 -13.17
CA GLY A 185 -6.21 8.88 -13.38
C GLY A 185 -5.01 9.71 -13.78
N GLU A 186 -5.29 10.92 -14.24
CA GLU A 186 -4.24 11.82 -14.71
C GLU A 186 -3.82 12.77 -13.60
N THR A 187 -4.51 12.69 -12.48
CA THR A 187 -4.26 13.64 -11.40
C THR A 187 -3.51 12.95 -10.26
N PRO A 188 -2.29 13.42 -9.91
CA PRO A 188 -1.58 12.78 -8.79
C PRO A 188 -2.32 12.99 -7.48
N GLY A 189 -2.39 11.96 -6.64
CA GLY A 189 -3.30 11.96 -5.52
C GLY A 189 -4.40 10.93 -5.75
N GLN A 190 -4.77 10.69 -7.01
CA GLN A 190 -5.88 9.75 -7.24
C GLN A 190 -5.64 8.31 -6.82
N ALA A 191 -4.39 7.84 -6.90
CA ALA A 191 -4.06 6.46 -6.62
C ALA A 191 -4.13 6.18 -5.11
N SER A 192 -3.58 7.07 -4.30
CA SER A 192 -3.65 6.87 -2.87
C SER A 192 -5.06 7.16 -2.36
N SER A 193 -5.75 8.10 -3.00
CA SER A 193 -7.14 8.35 -2.67
C SER A 193 -7.98 7.10 -2.87
N LEU A 194 -7.83 6.48 -4.02
CA LEU A 194 -8.52 5.25 -4.34
C LEU A 194 -8.23 4.10 -3.34
N LYS A 195 -6.96 3.91 -3.02
CA LYS A 195 -6.53 2.89 -2.05
C LYS A 195 -7.19 3.13 -0.68
N MSE A 196 -7.11 4.37 -0.22
CA MSE A 196 -7.67 4.77 1.07
C MSE A 196 -9.18 4.68 1.15
O MSE A 196 -9.72 4.17 2.14
CB MSE A 196 -7.26 6.20 1.33
CG MSE A 196 -6.61 6.27 2.70
SE MSE A 196 -4.67 5.91 2.60
CE MSE A 196 -4.16 7.25 1.25
N ILE A 197 -9.87 5.19 0.14
CA ILE A 197 -11.34 5.15 0.14
C ILE A 197 -11.89 3.70 0.07
N ARG A 198 -11.17 2.84 -0.64
CA ARG A 198 -11.53 1.45 -0.80
C ARG A 198 -11.58 0.78 0.57
N SER A 199 -10.75 1.26 1.49
CA SER A 199 -10.73 0.80 2.89
C SER A 199 -12.01 1.08 3.64
N VAL A 200 -12.67 2.17 3.27
CA VAL A 200 -13.85 2.65 3.97
C VAL A 200 -15.00 1.66 3.91
N MSE A 201 -15.27 1.16 2.71
CA MSE A 201 -16.33 0.17 2.51
C MSE A 201 -15.98 -1.13 3.17
O MSE A 201 -16.82 -1.76 3.82
CB MSE A 201 -16.49 -0.04 1.02
CG MSE A 201 -17.28 1.11 0.36
SE MSE A 201 -19.10 1.30 1.13
CE MSE A 201 -19.73 -0.58 1.15
N ILE A 202 -14.73 -1.55 3.02
CA ILE A 202 -14.31 -2.87 3.45
C ILE A 202 -14.24 -2.96 4.98
N LYS A 203 -13.53 -2.03 5.58
CA LYS A 203 -13.43 -1.95 7.04
C LYS A 203 -14.68 -1.38 7.73
N GLY A 204 -15.45 -0.62 6.97
CA GLY A 204 -16.74 -0.11 7.42
C GLY A 204 -17.66 -1.29 7.62
N VAL A 205 -17.72 -2.17 6.63
CA VAL A 205 -18.52 -3.37 6.77
C VAL A 205 -18.12 -4.26 7.93
N GLU A 206 -16.81 -4.43 8.13
CA GLU A 206 -16.27 -5.22 9.21
C GLU A 206 -16.68 -4.62 10.56
N ALA A 207 -16.53 -3.31 10.68
CA ALA A 207 -16.95 -2.55 11.86
C ALA A 207 -18.47 -2.66 12.11
N LEU A 208 -19.29 -2.56 11.05
CA LEU A 208 -20.75 -2.70 11.19
C LEU A 208 -21.13 -4.08 11.71
N LEU A 209 -20.50 -5.11 11.17
CA LEU A 209 -20.73 -6.46 11.70
C LEU A 209 -20.34 -6.55 13.17
N ILE A 210 -19.24 -5.90 13.54
CA ILE A 210 -18.82 -5.98 14.94
C ILE A 210 -19.90 -5.34 15.82
N GLU A 211 -20.35 -4.14 15.42
CA GLU A 211 -21.37 -3.41 16.21
C GLU A 211 -22.73 -4.14 16.23
N ALA A 212 -23.23 -4.55 15.07
CA ALA A 212 -24.51 -5.23 14.99
C ALA A 212 -24.51 -6.56 15.72
N LEU A 213 -23.50 -7.39 15.42
CA LEU A 213 -23.46 -8.76 15.90
C LEU A 213 -23.24 -8.92 17.40
N SER A 214 -22.37 -8.09 17.98
CA SER A 214 -22.12 -8.16 19.41
C SER A 214 -23.29 -7.59 20.22
N SER A 215 -24.02 -6.66 19.61
CA SER A 215 -25.27 -6.11 20.14
C SER A 215 -26.31 -7.21 20.16
N ALA A 216 -26.53 -7.76 18.97
CA ALA A 216 -27.43 -8.86 18.76
C ALA A 216 -27.19 -9.96 19.76
N GLU A 217 -25.91 -10.24 19.99
CA GLU A 217 -25.52 -11.34 20.87
C GLU A 217 -25.86 -11.04 22.33
N ARG A 218 -25.66 -9.79 22.75
CA ARG A 218 -26.05 -9.39 24.08
C ARG A 218 -27.56 -9.44 24.20
N ALA A 219 -28.26 -9.22 23.08
CA ALA A 219 -29.71 -9.33 23.08
C ALA A 219 -30.23 -10.77 22.79
N GLY A 220 -29.33 -11.72 22.57
CA GLY A 220 -29.73 -13.10 22.21
C GLY A 220 -30.45 -13.34 20.89
N VAL A 221 -30.20 -12.50 19.87
CA VAL A 221 -30.88 -12.60 18.55
C VAL A 221 -29.88 -12.61 17.37
N THR A 222 -28.69 -13.18 17.57
CA THR A 222 -27.60 -13.12 16.59
C THR A 222 -27.97 -13.76 15.25
N GLU A 223 -28.43 -15.01 15.32
CA GLU A 223 -28.84 -15.77 14.14
C GLU A 223 -29.97 -15.10 13.42
N ARG A 224 -30.88 -14.48 14.18
CA ARG A 224 -32.00 -13.80 13.54
C ARG A 224 -31.59 -12.55 12.81
N ILE A 225 -30.61 -11.84 13.38
CA ILE A 225 -30.07 -10.66 12.75
C ILE A 225 -29.25 -11.02 11.49
N LEU A 226 -28.52 -12.12 11.53
CA LEU A 226 -27.83 -12.60 10.33
C LEU A 226 -28.85 -12.96 9.24
N ASP A 227 -29.93 -13.62 9.63
CA ASP A 227 -31.06 -13.88 8.71
C ASP A 227 -31.61 -12.62 8.09
N SER A 228 -31.75 -11.57 8.90
CA SER A 228 -32.40 -10.37 8.41
C SER A 228 -31.46 -9.61 7.48
N VAL A 229 -30.14 -9.63 7.74
CA VAL A 229 -29.17 -9.09 6.76
C VAL A 229 -29.14 -9.97 5.48
N GLN A 230 -29.20 -11.28 5.66
CA GLN A 230 -29.26 -12.20 4.53
C GLN A 230 -30.49 -11.92 3.62
N GLU A 231 -31.65 -11.67 4.23
CA GLU A 231 -32.84 -11.28 3.44
C GLU A 231 -32.77 -9.90 2.75
N THR A 232 -32.13 -8.92 3.38
CA THR A 232 -32.02 -7.55 2.84
C THR A 232 -31.01 -7.43 1.71
N PHE A 233 -29.90 -8.14 1.84
CA PHE A 233 -28.81 -8.08 0.87
C PHE A 233 -28.52 -9.50 0.46
N PRO A 234 -29.43 -10.11 -0.34
CA PRO A 234 -29.34 -11.55 -0.59
C PRO A 234 -28.14 -12.02 -1.44
N GLY A 235 -27.58 -11.20 -2.31
CA GLY A 235 -26.43 -11.67 -3.08
C GLY A 235 -25.27 -12.38 -2.35
N LEU A 236 -24.96 -11.95 -1.11
CA LEU A 236 -23.81 -12.47 -0.35
C LEU A 236 -24.24 -13.42 0.76
N ASP A 237 -23.35 -14.36 1.11
CA ASP A 237 -23.51 -15.21 2.30
C ASP A 237 -22.91 -14.48 3.49
N TRP A 238 -23.76 -13.96 4.35
CA TRP A 238 -23.30 -13.02 5.38
C TRP A 238 -22.59 -13.68 6.53
N ARG A 239 -22.79 -14.97 6.67
CA ARG A 239 -22.08 -15.72 7.70
C ARG A 239 -20.62 -15.94 7.28
N ASP A 240 -20.39 -16.28 6.02
CA ASP A 240 -19.05 -16.28 5.43
C ASP A 240 -18.41 -14.91 5.54
N VAL A 241 -19.16 -13.84 5.28
CA VAL A 241 -18.61 -12.50 5.46
C VAL A 241 -18.17 -12.21 6.88
N ALA A 242 -19.00 -12.61 7.84
CA ALA A 242 -18.71 -12.35 9.26
C ALA A 242 -17.57 -13.23 9.76
N ASP A 243 -17.55 -14.49 9.32
CA ASP A 243 -16.43 -15.39 9.59
C ASP A 243 -15.15 -14.73 9.10
N TYR A 244 -15.12 -14.40 7.81
CA TYR A 244 -13.93 -13.87 7.18
C TYR A 244 -13.41 -12.57 7.81
N TYR A 245 -14.29 -11.58 7.96
CA TYR A 245 -13.87 -10.24 8.40
C TYR A 245 -13.61 -10.08 9.90
N LEU A 246 -14.34 -10.85 10.71
CA LEU A 246 -14.07 -10.86 12.12
C LEU A 246 -12.72 -11.57 12.38
N SER A 247 -12.37 -12.57 11.58
CA SER A 247 -11.07 -13.23 11.75
C SER A 247 -9.93 -12.29 11.34
N ARG A 248 -10.23 -11.41 10.37
CA ARG A 248 -9.35 -10.32 10.02
C ARG A 248 -9.15 -9.34 11.19
N THR A 249 -10.23 -8.99 11.89
CA THR A 249 -10.13 -8.15 13.11
C THR A 249 -9.31 -8.86 14.18
N PHE A 250 -9.50 -10.16 14.34
CA PHE A 250 -8.76 -10.94 15.31
C PHE A 250 -7.25 -10.86 15.02
N GLU A 251 -6.87 -11.33 13.83
CA GLU A 251 -5.48 -11.46 13.43
C GLU A 251 -4.80 -10.10 13.21
N HIS A 252 -5.32 -9.29 12.28
CA HIS A 252 -4.61 -8.08 11.85
C HIS A 252 -5.25 -6.79 12.34
N GLY A 253 -6.00 -6.85 13.44
CA GLY A 253 -6.77 -5.69 13.88
C GLY A 253 -5.95 -4.42 14.06
N ALA A 254 -4.72 -4.60 14.55
CA ALA A 254 -3.81 -3.47 14.78
C ALA A 254 -3.54 -2.72 13.47
N ARG A 255 -3.03 -3.43 12.46
CA ARG A 255 -2.72 -2.83 11.15
C ARG A 255 -3.94 -2.34 10.36
N ARG A 256 -5.08 -3.01 10.56
CA ARG A 256 -6.38 -2.59 9.98
C ARG A 256 -6.89 -1.24 10.55
N VAL A 257 -6.57 -0.98 11.82
CA VAL A 257 -6.85 0.32 12.44
C VAL A 257 -5.98 1.46 11.90
N THR A 258 -4.71 1.17 11.59
CA THR A 258 -3.83 2.16 10.95
C THR A 258 -4.37 2.54 9.57
N GLU A 259 -4.59 1.55 8.71
CA GLU A 259 -5.24 1.75 7.39
C GLU A 259 -6.53 2.61 7.46
N MSE A 260 -7.33 2.40 8.52
CA MSE A 260 -8.56 3.18 8.75
C MSE A 260 -8.27 4.60 9.19
O MSE A 260 -8.92 5.53 8.72
CB MSE A 260 -9.46 2.50 9.80
CG MSE A 260 -10.96 2.77 9.54
SE MSE A 260 -11.46 2.49 7.65
CE MSE A 260 -13.42 2.55 7.73
N THR A 261 -7.29 4.78 10.09
CA THR A 261 -6.88 6.10 10.57
C THR A 261 -6.39 6.99 9.43
N GLU A 262 -5.64 6.39 8.50
CA GLU A 262 -5.15 7.09 7.32
C GLU A 262 -6.32 7.47 6.44
N ALA A 263 -7.27 6.55 6.26
CA ALA A 263 -8.44 6.79 5.41
C ALA A 263 -9.32 7.96 5.89
N ALA A 264 -9.53 8.06 7.20
CA ALA A 264 -10.22 9.22 7.80
C ALA A 264 -9.51 10.54 7.49
N GLU A 265 -8.17 10.53 7.61
CA GLU A 265 -7.34 11.71 7.27
C GLU A 265 -7.40 12.08 5.79
N THR A 266 -7.40 11.08 4.91
CA THR A 266 -7.56 11.28 3.47
C THR A 266 -8.89 11.96 3.15
N ILE A 267 -9.96 11.44 3.75
CA ILE A 267 -11.29 11.98 3.51
C ILE A 267 -11.37 13.38 4.10
N GLU A 268 -10.82 13.55 5.29
CA GLU A 268 -10.78 14.88 5.90
C GLU A 268 -10.01 15.84 5.02
N SER A 269 -8.91 15.35 4.46
CA SER A 269 -8.06 16.14 3.56
C SER A 269 -8.83 16.70 2.36
N PHE A 270 -10.01 16.14 2.07
CA PHE A 270 -10.85 16.62 0.97
C PHE A 270 -11.93 17.62 1.39
N GLY A 271 -11.85 18.11 2.63
CA GLY A 271 -12.88 18.99 3.19
C GLY A 271 -14.14 18.26 3.66
N LEU A 272 -14.06 16.94 3.80
CA LEU A 272 -15.21 16.16 4.27
C LEU A 272 -14.99 15.63 5.69
N ASN A 273 -16.05 15.67 6.50
CA ASN A 273 -16.09 14.94 7.75
C ASN A 273 -16.03 13.43 7.50
N ALA A 274 -15.32 12.71 8.38
CA ALA A 274 -15.07 11.29 8.21
C ALA A 274 -15.62 10.48 9.39
N PRO A 275 -16.89 10.70 9.80
CA PRO A 275 -17.33 9.99 11.02
C PRO A 275 -17.43 8.48 10.89
N MSE A 276 -17.73 7.98 9.69
CA MSE A 276 -17.84 6.51 9.51
C MSE A 276 -16.47 5.91 9.62
O MSE A 276 -16.27 4.91 10.33
CB MSE A 276 -18.45 6.09 8.17
CG MSE A 276 -19.89 6.57 8.01
SE MSE A 276 -21.03 5.81 9.45
CE MSE A 276 -21.13 3.90 8.94
N SER A 277 -15.49 6.51 8.94
CA SER A 277 -14.12 6.02 8.99
C SER A 277 -13.55 6.11 10.39
N ARG A 278 -13.84 7.20 11.10
CA ARG A 278 -13.31 7.33 12.45
C ARG A 278 -13.95 6.28 13.39
N ALA A 279 -15.26 6.09 13.28
CA ALA A 279 -15.98 5.16 14.15
C ALA A 279 -15.54 3.73 13.86
N ALA A 280 -15.29 3.42 12.58
CA ALA A 280 -14.87 2.05 12.21
C ALA A 280 -13.48 1.66 12.77
N CYS A 281 -12.53 2.58 12.62
CA CYS A 281 -11.21 2.52 13.23
C CYS A 281 -11.29 2.28 14.74
N GLU A 282 -12.03 3.14 15.45
CA GLU A 282 -12.28 2.90 16.87
C GLU A 282 -12.82 1.47 17.12
N THR A 283 -13.80 1.06 16.32
CA THR A 283 -14.50 -0.20 16.53
C THR A 283 -13.58 -1.39 16.35
N ILE A 284 -12.85 -1.39 15.24
CA ILE A 284 -11.93 -2.48 14.93
C ILE A 284 -10.80 -2.59 15.99
N ALA A 285 -10.30 -1.44 16.46
CA ALA A 285 -9.29 -1.41 17.54
C ALA A 285 -9.85 -1.92 18.86
N ALA A 286 -11.05 -1.43 19.22
CA ALA A 286 -11.71 -1.90 20.43
C ALA A 286 -11.94 -3.39 20.38
N ALA A 287 -12.34 -3.91 19.21
CA ALA A 287 -12.68 -5.32 19.04
C ALA A 287 -11.44 -6.21 19.03
N HIS A 288 -10.38 -5.74 18.37
CA HIS A 288 -9.09 -6.44 18.37
C HIS A 288 -8.56 -6.61 19.81
N ALA A 289 -8.56 -5.52 20.56
CA ALA A 289 -8.17 -5.51 21.98
C ALA A 289 -9.05 -6.49 22.77
N ALA A 290 -10.35 -6.36 22.59
CA ALA A 290 -11.33 -7.21 23.26
C ALA A 290 -11.04 -8.70 23.07
N MSE A 291 -10.58 -9.08 21.88
CA MSE A 291 -10.39 -10.50 21.55
C MSE A 291 -9.04 -11.11 21.91
O MSE A 291 -8.93 -12.33 21.97
CB MSE A 291 -10.65 -10.70 20.08
CG MSE A 291 -12.14 -10.54 19.79
SE MSE A 291 -12.51 -11.15 17.94
CE MSE A 291 -11.86 -9.51 17.07
N LYS A 292 -8.03 -10.28 22.17
CA LYS A 292 -6.69 -10.75 22.52
C LYS A 292 -6.70 -11.52 23.84
N ASP A 293 -5.94 -12.63 23.91
CA ASP A 293 -5.75 -13.44 25.15
C ASP A 293 -7.05 -14.05 25.71
N GLN A 294 -7.92 -14.48 24.80
CA GLN A 294 -9.23 -15.07 25.13
C GLN A 294 -9.35 -16.50 24.61
N GLY A 295 -8.24 -17.05 24.11
CA GLY A 295 -8.19 -18.44 23.65
C GLY A 295 -8.86 -18.67 22.33
N LEU A 296 -9.07 -17.59 21.57
CA LEU A 296 -9.67 -17.63 20.24
C LEU A 296 -8.62 -18.01 19.21
N SER A 297 -9.08 -18.51 18.07
CA SER A 297 -8.23 -18.88 16.93
C SER A 297 -8.80 -18.23 15.66
N VAL A 298 -7.94 -17.85 14.70
CA VAL A 298 -8.41 -17.21 13.44
C VAL A 298 -9.42 -18.09 12.70
N ASN A 299 -9.39 -19.37 13.05
CA ASN A 299 -10.23 -20.40 12.47
C ASN A 299 -11.63 -20.48 13.09
N ASP A 300 -11.87 -19.70 14.16
CA ASP A 300 -13.05 -19.90 15.03
C ASP A 300 -14.43 -19.42 14.55
N GLY A 301 -14.46 -18.53 13.55
CA GLY A 301 -15.72 -18.02 13.01
C GLY A 301 -16.44 -17.06 13.93
N TYR A 302 -17.55 -16.49 13.45
CA TYR A 302 -18.39 -15.58 14.24
C TYR A 302 -19.02 -16.28 15.46
N ARG A 303 -19.48 -17.52 15.26
CA ARG A 303 -19.98 -18.32 16.39
C ARG A 303 -18.97 -18.30 17.54
N GLY A 304 -17.68 -18.31 17.21
CA GLY A 304 -16.61 -18.16 18.18
C GLY A 304 -16.36 -16.74 18.66
N PHE A 305 -16.14 -15.79 17.73
CA PHE A 305 -15.76 -14.41 18.12
C PHE A 305 -16.86 -13.59 18.82
N VAL A 306 -18.09 -13.75 18.34
CA VAL A 306 -19.18 -12.87 18.73
C VAL A 306 -19.46 -12.94 20.23
N PRO A 307 -19.52 -14.17 20.81
CA PRO A 307 -19.77 -14.21 22.27
C PRO A 307 -18.66 -13.55 23.06
N VAL A 308 -17.44 -13.63 22.53
CA VAL A 308 -16.33 -13.01 23.20
C VAL A 308 -16.46 -11.48 23.14
N LEU A 309 -16.69 -10.94 21.94
CA LEU A 309 -16.94 -9.51 21.75
C LEU A 309 -18.14 -9.01 22.54
N ALA A 310 -19.25 -9.75 22.49
CA ALA A 310 -20.45 -9.41 23.26
C ALA A 310 -20.08 -9.14 24.74
N ARG A 311 -19.39 -10.10 25.35
CA ARG A 311 -18.97 -10.00 26.74
C ARG A 311 -17.86 -8.98 26.95
N ARG A 312 -16.84 -9.02 26.10
CA ARG A 312 -15.65 -8.21 26.32
C ARG A 312 -15.80 -6.73 25.98
N LEU A 313 -16.59 -6.42 24.93
CA LEU A 313 -17.07 -5.05 24.72
C LEU A 313 -18.26 -4.84 25.67
#